data_8E1X
#
_entry.id   8E1X
#
_cell.length_a   76.515
_cell.length_b   77.482
_cell.length_c   126.272
_cell.angle_alpha   90.000
_cell.angle_beta   90.000
_cell.angle_gamma   90.000
#
_symmetry.space_group_name_H-M   'P 21 21 21'
#
loop_
_entity.id
_entity.type
_entity.pdbx_description
1 polymer 'Fibroblast growth factor receptor 2'
2 non-polymer (5M)-N-methyl-5-{(6M,8S)-5-{[(3S)-oxolan-3-yl]amino}-6-[1-(propan-2-yl)-1H-pyrazol-3-yl]pyrazolo[1,5-a]pyrimidin-3-yl}pyridine-3-carboxamide
3 water water
#
_entity_poly.entity_id   1
_entity_poly.type   'polypeptide(L)'
_entity_poly.pdbx_seq_one_letter_code
;MGSSHHHHHHSSGLVPRGSHMLAGVSEYELPEDPKWEFPRDKLTLGKPLGEGAFGQVVMAEAVGIDKDKPKEAVTVAVKM
LKDDATEKDLSDLVSEMEMMKMIGKHKNIINLLGACTQDGPL(PTR)VIVEYASKGNLREYLRARRPPGME(PTR)SYDI
NRVPEEQMTFKDLVSCTYQLARGMEYLASQKCIHRDLAARNVLVTENNVMKIADFGLARDINNIDYYKKTTNGRLPVKWM
APEALFDRVYTHQSDVWSFGVLMWEIFTLGGSPYPGIPVEELFKLLKEGHRMDKPANCTNELYMMMRDCWHAVPSQRPTF
KQLVEDLDRILTLTTNEE
;
_entity_poly.pdbx_strand_id   A,B
#
loop_
_chem_comp.id
_chem_comp.type
_chem_comp.name
_chem_comp.formula
U9P non-polymer (5M)-N-methyl-5-{(6M,8S)-5-{[(3S)-oxolan-3-yl]amino}-6-[1-(propan-2-yl)-1H-pyrazol-3-yl]pyrazolo[1,5-a]pyrimidin-3-yl}pyridine-3-carboxamide 'C23 H26 N8 O2'
#
# COMPACT_ATOMS: atom_id res chain seq x y z
N LEU A 30 11.15 18.06 18.28
CA LEU A 30 11.16 17.23 17.07
C LEU A 30 12.62 16.88 16.71
N PRO A 31 12.90 15.59 16.50
CA PRO A 31 14.28 15.17 16.22
C PRO A 31 14.80 15.68 14.89
N GLU A 32 16.13 15.74 14.80
CA GLU A 32 16.77 16.16 13.57
C GLU A 32 16.62 15.08 12.51
N ASP A 33 16.74 15.48 11.27
CA ASP A 33 16.80 14.54 10.14
C ASP A 33 17.59 15.17 9.05
N PRO A 34 18.91 14.91 8.99
CA PRO A 34 19.75 15.57 7.99
C PRO A 34 19.34 15.25 6.55
N LYS A 35 18.86 14.02 6.31
CA LYS A 35 18.49 13.64 4.95
C LYS A 35 17.42 14.55 4.37
N TRP A 36 16.58 15.13 5.21
CA TRP A 36 15.45 15.94 4.75
C TRP A 36 15.47 17.38 5.22
N GLU A 37 16.43 17.77 6.06
CA GLU A 37 16.43 19.10 6.64
C GLU A 37 16.89 20.16 5.65
N PHE A 38 16.17 21.28 5.63
CA PHE A 38 16.48 22.42 4.81
C PHE A 38 16.65 23.67 5.67
N PRO A 39 17.71 24.46 5.47
CA PRO A 39 17.95 25.61 6.34
C PRO A 39 17.01 26.77 6.08
N ARG A 40 16.49 27.38 7.14
CA ARG A 40 15.51 28.44 7.01
C ARG A 40 16.10 29.72 6.40
N ASP A 41 17.43 29.89 6.47
CA ASP A 41 18.08 31.02 5.83
C ASP A 41 17.79 31.04 4.34
N LYS A 42 17.93 29.88 3.69
CA LYS A 42 17.77 29.74 2.25
C LYS A 42 16.30 29.70 1.83
N LEU A 43 15.36 29.88 2.75
CA LEU A 43 13.93 29.79 2.45
C LEU A 43 13.27 31.14 2.70
N THR A 44 12.59 31.65 1.68
CA THR A 44 11.94 32.95 1.72
C THR A 44 10.45 32.79 1.47
N LEU A 45 9.63 33.19 2.44
CA LEU A 45 8.19 33.02 2.30
C LEU A 45 7.62 34.05 1.33
N GLY A 46 6.39 33.76 0.87
CA GLY A 46 5.75 34.59 -0.13
C GLY A 46 4.27 34.74 0.09
N LYS A 47 3.50 34.99 -0.97
CA LYS A 47 2.07 35.19 -0.81
C LYS A 47 1.40 33.86 -0.49
N PRO A 48 0.38 33.85 0.37
CA PRO A 48 -0.30 32.60 0.68
C PRO A 48 -1.08 32.09 -0.52
N LEU A 49 -1.36 30.79 -0.50
CA LEU A 49 -2.06 30.13 -1.59
C LEU A 49 -3.46 29.72 -1.18
N GLY A 50 -3.58 28.90 -0.14
CA GLY A 50 -4.87 28.47 0.34
C GLY A 50 -4.73 27.77 1.67
N GLU A 51 -5.82 27.13 2.09
CA GLU A 51 -5.82 26.41 3.36
C GLU A 51 -6.48 25.05 3.20
N GLY A 52 -6.19 24.17 4.15
CA GLY A 52 -6.78 22.85 4.16
C GLY A 52 -7.03 22.37 5.57
N ALA A 53 -7.31 21.08 5.71
CA ALA A 53 -7.55 20.48 7.02
C ALA A 53 -6.28 20.46 7.87
N PHE A 54 -5.11 20.54 7.26
CA PHE A 54 -3.83 20.52 7.98
C PHE A 54 -3.34 21.89 8.42
N GLY A 55 -3.97 22.97 7.95
CA GLY A 55 -3.46 24.31 8.19
C GLY A 55 -3.51 25.14 6.92
N GLN A 56 -2.49 25.98 6.70
CA GLN A 56 -2.42 26.80 5.50
C GLN A 56 -1.18 26.44 4.69
N VAL A 57 -1.26 26.67 3.38
CA VAL A 57 -0.16 26.38 2.44
C VAL A 57 0.26 27.69 1.79
N VAL A 58 1.57 27.96 1.79
CA VAL A 58 2.11 29.27 1.46
C VAL A 58 3.16 29.12 0.37
N MET A 59 3.08 29.96 -0.65
CA MET A 59 4.11 30.06 -1.69
C MET A 59 5.44 30.47 -1.06
N ALA A 60 6.54 29.96 -1.62
CA ALA A 60 7.84 30.25 -1.04
C ALA A 60 8.92 29.99 -2.08
N GLU A 61 10.14 30.42 -1.76
CA GLU A 61 11.29 30.23 -2.61
C GLU A 61 12.42 29.62 -1.79
N ALA A 62 13.16 28.71 -2.41
CA ALA A 62 14.15 27.92 -1.69
C ALA A 62 15.45 27.90 -2.50
N VAL A 63 16.54 28.29 -1.87
CA VAL A 63 17.84 28.35 -2.53
C VAL A 63 18.61 27.08 -2.22
N GLY A 64 18.91 26.30 -3.26
CA GLY A 64 19.69 25.09 -3.09
C GLY A 64 18.91 23.88 -2.63
N ILE A 65 17.58 23.95 -2.65
CA ILE A 65 16.74 22.79 -2.32
C ILE A 65 16.99 21.66 -3.31
N ASP A 66 17.43 22.02 -4.52
CA ASP A 66 17.88 21.04 -5.51
C ASP A 66 19.39 20.96 -5.32
N LYS A 67 19.85 19.86 -4.72
CA LYS A 67 21.27 19.75 -4.40
C LYS A 67 22.12 19.78 -5.67
N ASP A 68 21.60 19.22 -6.77
CA ASP A 68 22.30 19.25 -8.05
C ASP A 68 22.61 20.66 -8.52
N LYS A 69 21.66 21.60 -8.33
CA LYS A 69 21.90 22.98 -8.70
C LYS A 69 21.81 23.86 -7.46
N PRO A 70 22.90 23.97 -6.70
CA PRO A 70 22.81 24.50 -5.34
C PRO A 70 22.79 26.01 -5.23
N LYS A 71 22.86 26.72 -6.35
CA LYS A 71 22.79 28.18 -6.36
C LYS A 71 21.51 28.67 -7.03
N GLU A 72 20.49 27.82 -7.15
CA GLU A 72 19.28 28.11 -7.90
C GLU A 72 18.10 28.31 -6.95
N ALA A 73 17.36 29.39 -7.14
CA ALA A 73 16.11 29.58 -6.44
C ALA A 73 15.01 28.78 -7.13
N VAL A 74 14.26 28.02 -6.33
CA VAL A 74 13.17 27.16 -6.81
C VAL A 74 11.89 27.56 -6.10
N THR A 75 10.80 27.70 -6.86
CA THR A 75 9.52 28.01 -6.26
C THR A 75 8.94 26.78 -5.59
N VAL A 76 8.51 26.93 -4.35
CA VAL A 76 8.01 25.82 -3.56
C VAL A 76 6.77 26.28 -2.81
N ALA A 77 6.05 25.31 -2.26
CA ALA A 77 4.95 25.57 -1.34
C ALA A 77 5.28 24.94 0.00
N VAL A 78 5.08 25.69 1.08
CA VAL A 78 5.36 25.19 2.42
C VAL A 78 4.03 25.04 3.16
N LYS A 79 3.86 23.91 3.83
CA LYS A 79 2.68 23.64 4.63
C LYS A 79 3.01 23.89 6.10
N MET A 80 2.15 24.66 6.77
CA MET A 80 2.36 25.05 8.15
C MET A 80 1.01 25.16 8.85
N LEU A 81 1.05 25.30 10.17
CA LEU A 81 -0.18 25.37 10.95
C LEU A 81 -0.79 26.77 10.88
N LYS A 82 -2.12 26.81 11.02
CA LYS A 82 -2.79 28.09 11.18
C LYS A 82 -2.52 28.62 12.58
N ASP A 83 -2.72 29.92 12.75
CA ASP A 83 -2.36 30.60 14.00
C ASP A 83 -3.28 30.26 15.18
N ASP A 84 -4.19 29.29 15.03
CA ASP A 84 -5.06 28.88 16.13
C ASP A 84 -5.08 27.36 16.31
N ALA A 85 -4.02 26.66 15.90
CA ALA A 85 -3.97 25.21 15.96
C ALA A 85 -3.45 24.72 17.30
N THR A 86 -3.98 23.58 17.77
CA THR A 86 -3.58 22.90 18.98
C THR A 86 -2.37 22.01 18.69
N GLU A 87 -1.81 21.33 19.71
CA GLU A 87 -0.81 20.31 19.38
C GLU A 87 -1.41 19.07 18.72
N LYS A 88 -2.70 18.81 18.90
CA LYS A 88 -3.30 17.71 18.15
C LYS A 88 -3.06 17.98 16.67
N ASP A 89 -3.27 19.23 16.25
CA ASP A 89 -3.02 19.64 14.88
C ASP A 89 -1.52 19.66 14.56
N LEU A 90 -0.66 19.83 15.57
CA LEU A 90 0.78 19.86 15.29
C LEU A 90 1.33 18.45 15.09
N SER A 91 0.90 17.49 15.90
CA SER A 91 1.33 16.10 15.68
C SER A 91 0.76 15.58 14.37
N ASP A 92 -0.42 16.06 13.97
CA ASP A 92 -1.01 15.64 12.71
C ASP A 92 -0.30 16.26 11.52
N LEU A 93 0.46 17.35 11.73
CA LEU A 93 1.31 17.86 10.67
C LEU A 93 2.62 17.08 10.60
N VAL A 94 3.17 16.68 11.75
CA VAL A 94 4.39 15.88 11.74
C VAL A 94 4.10 14.48 11.22
N SER A 95 2.93 13.94 11.56
CA SER A 95 2.60 12.57 11.13
C SER A 95 2.25 12.49 9.65
N GLU A 96 1.88 13.61 9.02
CA GLU A 96 1.79 13.61 7.58
C GLU A 96 3.17 13.76 6.95
N MET A 97 4.05 14.52 7.60
CA MET A 97 5.38 14.72 7.04
C MET A 97 6.19 13.44 7.08
N GLU A 98 6.10 12.70 8.18
CA GLU A 98 6.88 11.47 8.29
C GLU A 98 6.29 10.35 7.44
N MET A 99 5.02 10.46 7.06
CA MET A 99 4.47 9.50 6.12
C MET A 99 4.79 9.88 4.68
N MET A 100 5.00 11.17 4.40
CA MET A 100 5.41 11.55 3.06
C MET A 100 6.79 11.02 2.72
N LYS A 101 7.65 10.81 3.73
CA LYS A 101 8.96 10.23 3.48
C LYS A 101 8.88 8.74 3.17
N MET A 102 7.83 8.07 3.62
CA MET A 102 7.78 6.61 3.56
C MET A 102 7.36 6.11 2.18
N ILE A 103 6.41 6.78 1.52
CA ILE A 103 5.81 6.24 0.31
C ILE A 103 6.52 6.64 -0.98
N GLY A 104 7.63 7.35 -0.92
CA GLY A 104 8.41 7.57 -2.12
C GLY A 104 7.88 8.69 -3.01
N LYS A 105 8.43 8.74 -4.23
CA LYS A 105 8.12 9.82 -5.16
C LYS A 105 7.45 9.27 -6.41
N HIS A 106 6.63 10.12 -7.04
CA HIS A 106 5.93 9.74 -8.26
C HIS A 106 5.62 11.01 -9.05
N LYS A 107 5.43 10.83 -10.35
CA LYS A 107 5.09 11.94 -11.21
C LYS A 107 3.73 12.55 -10.90
N ASN A 108 2.77 11.76 -10.39
CA ASN A 108 1.39 12.21 -10.28
C ASN A 108 0.95 12.49 -8.85
N ILE A 109 1.89 12.82 -7.97
CA ILE A 109 1.58 13.21 -6.59
C ILE A 109 2.42 14.42 -6.25
N ILE A 110 1.96 15.17 -5.25
CA ILE A 110 2.73 16.30 -4.73
C ILE A 110 3.82 15.75 -3.83
N ASN A 111 5.07 15.87 -4.25
CA ASN A 111 6.18 15.23 -3.54
C ASN A 111 6.77 16.14 -2.48
N LEU A 112 7.37 15.50 -1.48
CA LEU A 112 8.02 16.22 -0.40
C LEU A 112 9.43 16.61 -0.81
N LEU A 113 9.80 17.83 -0.46
CA LEU A 113 11.13 18.32 -0.78
C LEU A 113 12.01 18.54 0.44
N GLY A 114 11.45 18.81 1.61
CA GLY A 114 12.25 19.07 2.79
C GLY A 114 11.41 19.69 3.89
N ALA A 115 12.10 20.01 4.99
CA ALA A 115 11.39 20.51 6.18
C ALA A 115 12.32 21.38 7.02
N CYS A 116 11.68 22.22 7.84
CA CYS A 116 12.36 23.06 8.83
C CYS A 116 11.78 22.72 10.21
N THR A 117 12.62 22.13 11.07
CA THR A 117 12.17 21.46 12.28
C THR A 117 12.47 22.22 13.57
N GLN A 118 13.75 22.50 13.86
CA GLN A 118 14.16 22.74 15.24
C GLN A 118 13.79 24.14 15.76
N ASP A 119 13.93 25.20 14.98
CA ASP A 119 13.71 26.54 15.51
C ASP A 119 12.52 27.20 14.83
N GLY A 120 11.65 27.81 15.64
CA GLY A 120 10.46 28.50 15.17
C GLY A 120 9.35 27.56 14.75
N PRO A 121 8.50 28.02 13.82
CA PRO A 121 7.41 27.17 13.34
C PRO A 121 7.88 26.09 12.36
N LEU A 122 7.09 25.02 12.31
CA LEU A 122 7.39 23.87 11.46
C LEU A 122 7.00 24.14 10.01
N PTR A 123 7.98 24.21 9.13
CA PTR A 123 7.66 24.34 7.71
C PTR A 123 7.82 22.99 7.04
O PTR A 123 8.76 22.24 7.34
CB PTR A 123 8.55 25.38 7.00
CG PTR A 123 8.38 26.80 7.51
CD1 PTR A 123 9.34 27.76 7.24
CD2 PTR A 123 7.26 27.18 8.25
CE1 PTR A 123 9.19 29.06 7.69
CE2 PTR A 123 7.11 28.47 8.71
CZ PTR A 123 8.08 29.41 8.43
OH PTR A 123 7.95 30.65 8.85
P PTR A 123 9.20 31.62 9.21
O1P PTR A 123 9.81 32.19 7.92
O2P PTR A 123 10.29 30.90 10.03
O3P PTR A 123 8.67 32.72 10.04
N VAL A 124 6.89 22.67 6.15
CA VAL A 124 6.98 21.44 5.35
C VAL A 124 6.95 21.81 3.87
N ILE A 125 8.07 21.57 3.18
CA ILE A 125 8.29 22.06 1.81
C ILE A 125 7.92 20.96 0.83
N VAL A 126 6.92 21.23 -0.03
CA VAL A 126 6.47 20.30 -1.04
C VAL A 126 6.48 21.00 -2.40
N GLU A 127 6.23 20.20 -3.45
CA GLU A 127 6.30 20.69 -4.82
C GLU A 127 5.25 21.76 -5.07
N TYR A 128 5.55 22.65 -6.01
CA TYR A 128 4.69 23.77 -6.38
C TYR A 128 4.09 23.51 -7.76
N ALA A 129 2.76 23.66 -7.86
CA ALA A 129 2.01 23.46 -9.11
C ALA A 129 1.43 24.79 -9.55
N SER A 130 2.01 25.36 -10.62
CA SER A 130 1.73 26.75 -10.96
C SER A 130 0.29 26.96 -11.42
N LYS A 131 -0.35 25.97 -12.04
CA LYS A 131 -1.67 26.17 -12.64
C LYS A 131 -2.82 25.99 -11.65
N GLY A 132 -2.53 25.79 -10.36
CA GLY A 132 -3.57 25.69 -9.35
C GLY A 132 -4.21 24.32 -9.25
N ASN A 133 -5.36 24.27 -8.59
CA ASN A 133 -6.08 23.01 -8.38
C ASN A 133 -6.97 22.67 -9.59
N LEU A 134 -7.35 21.39 -9.66
CA LEU A 134 -8.04 20.87 -10.85
C LEU A 134 -9.48 21.35 -10.94
N ARG A 135 -10.22 21.38 -9.82
CA ARG A 135 -11.64 21.70 -9.90
C ARG A 135 -11.86 23.09 -10.48
N GLU A 136 -11.13 24.08 -10.00
CA GLU A 136 -11.33 25.41 -10.54
C GLU A 136 -10.66 25.56 -11.90
N TYR A 137 -9.67 24.72 -12.21
CA TYR A 137 -9.12 24.72 -13.56
C TYR A 137 -10.18 24.35 -14.59
N LEU A 138 -10.97 23.32 -14.31
CA LEU A 138 -12.00 22.89 -15.26
C LEU A 138 -13.16 23.89 -15.33
N ARG A 139 -13.54 24.47 -14.18
CA ARG A 139 -14.65 25.42 -14.16
C ARG A 139 -14.31 26.67 -14.96
N ALA A 140 -13.06 27.11 -14.92
CA ALA A 140 -12.65 28.28 -15.69
C ALA A 140 -12.73 28.06 -17.19
N ARG A 141 -12.69 26.79 -17.64
CA ARG A 141 -12.65 26.42 -19.06
C ARG A 141 -13.97 25.84 -19.53
N ARG A 142 -15.07 26.35 -18.98
CA ARG A 142 -16.40 25.90 -19.33
C ARG A 142 -16.96 26.77 -20.47
N PRO A 143 -17.96 26.29 -21.21
CA PRO A 143 -18.36 27.04 -22.40
C PRO A 143 -19.10 28.29 -21.98
N PRO A 144 -19.20 29.28 -22.86
CA PRO A 144 -19.89 30.53 -22.49
C PRO A 144 -21.35 30.29 -22.14
N GLY A 145 -21.80 30.93 -21.06
CA GLY A 145 -23.17 30.82 -20.58
C GLY A 145 -23.46 29.60 -19.73
N MET A 146 -22.52 28.67 -19.62
CA MET A 146 -22.69 27.44 -18.85
C MET A 146 -21.70 27.40 -17.70
N GLU A 147 -21.47 28.57 -17.11
CA GLU A 147 -20.51 28.73 -16.03
C GLU A 147 -21.09 28.27 -14.71
N PTR A 148 -20.22 28.07 -13.71
CA PTR A 148 -20.65 27.66 -12.38
C PTR A 148 -21.10 28.87 -11.56
O PTR A 148 -22.12 28.84 -10.85
CB PTR A 148 -19.53 26.92 -11.67
CG PTR A 148 -19.95 26.23 -10.39
CD1 PTR A 148 -19.80 26.84 -9.16
CD2 PTR A 148 -20.53 24.98 -10.45
CE1 PTR A 148 -20.21 26.20 -8.00
CE2 PTR A 148 -20.94 24.34 -9.30
CZ PTR A 148 -20.77 24.93 -8.06
OH PTR A 148 -21.19 24.28 -7.00
P PTR A 148 -20.72 24.41 -5.46
O1P PTR A 148 -19.21 24.19 -5.34
O2P PTR A 148 -21.11 25.76 -4.95
O3P PTR A 148 -21.47 23.37 -4.60
N SER A 149 -20.31 29.93 -11.67
CA SER A 149 -20.45 31.18 -10.92
C SER A 149 -19.76 32.25 -11.78
N TYR A 150 -19.85 33.53 -11.40
CA TYR A 150 -19.28 34.61 -12.21
C TYR A 150 -17.76 34.51 -12.29
N ASP A 151 -17.07 34.63 -11.15
CA ASP A 151 -15.63 34.42 -11.08
C ASP A 151 -14.92 35.18 -12.20
N ILE A 152 -13.92 34.56 -12.83
CA ILE A 152 -13.29 35.12 -14.01
C ILE A 152 -13.02 33.98 -14.97
N ASN A 153 -13.39 34.15 -16.26
CA ASN A 153 -13.25 33.07 -17.20
C ASN A 153 -11.83 33.07 -17.79
N ARG A 154 -11.54 32.06 -18.61
CA ARG A 154 -10.23 31.92 -19.24
C ARG A 154 -10.40 31.43 -20.66
N VAL A 155 -10.24 32.34 -21.62
CA VAL A 155 -10.26 32.03 -23.05
C VAL A 155 -8.85 31.95 -23.65
N PRO A 156 -7.80 32.53 -23.03
CA PRO A 156 -6.45 32.06 -23.38
C PRO A 156 -6.29 30.55 -23.20
N GLU A 157 -6.92 29.99 -22.16
CA GLU A 157 -7.00 28.55 -21.97
C GLU A 157 -7.99 27.89 -22.91
N GLU A 158 -8.96 28.65 -23.43
CA GLU A 158 -9.96 28.18 -24.40
C GLU A 158 -10.76 27.05 -23.75
N GLN A 159 -10.88 25.88 -24.38
CA GLN A 159 -11.69 24.78 -23.87
C GLN A 159 -11.04 23.44 -24.15
N MET A 160 -11.27 22.51 -23.24
CA MET A 160 -10.64 21.19 -23.24
C MET A 160 -11.36 20.24 -24.18
N THR A 161 -10.59 19.30 -24.74
CA THR A 161 -11.11 18.25 -25.62
C THR A 161 -11.36 16.97 -24.83
N PHE A 162 -12.01 16.00 -25.48
CA PHE A 162 -12.26 14.72 -24.84
C PHE A 162 -10.95 14.00 -24.53
N LYS A 163 -10.04 13.95 -25.51
CA LYS A 163 -8.75 13.31 -25.27
C LYS A 163 -8.00 14.02 -24.16
N ASP A 164 -8.15 15.34 -24.07
CA ASP A 164 -7.62 16.09 -22.94
C ASP A 164 -8.10 15.50 -21.63
N LEU A 165 -9.41 15.22 -21.54
CA LEU A 165 -10.01 14.82 -20.27
C LEU A 165 -9.66 13.39 -19.88
N VAL A 166 -9.55 12.48 -20.85
CA VAL A 166 -9.31 11.09 -20.48
C VAL A 166 -7.89 10.92 -19.95
N SER A 167 -6.93 11.71 -20.44
CA SER A 167 -5.57 11.60 -19.92
C SER A 167 -5.41 12.22 -18.54
N CYS A 168 -6.27 13.15 -18.13
CA CYS A 168 -6.16 13.65 -16.76
C CYS A 168 -6.56 12.58 -15.76
N THR A 169 -7.63 11.84 -16.04
CA THR A 169 -8.02 10.74 -15.15
C THR A 169 -7.00 9.60 -15.25
N TYR A 170 -6.50 9.32 -16.46
CA TYR A 170 -5.47 8.29 -16.61
C TYR A 170 -4.26 8.61 -15.76
N GLN A 171 -3.80 9.87 -15.79
CA GLN A 171 -2.70 10.28 -14.94
C GLN A 171 -3.04 10.02 -13.48
N LEU A 172 -4.28 10.33 -13.09
CA LEU A 172 -4.67 10.14 -11.70
C LEU A 172 -4.78 8.67 -11.36
N ALA A 173 -5.28 7.85 -12.28
CA ALA A 173 -5.29 6.41 -12.02
C ALA A 173 -3.86 5.90 -11.85
N ARG A 174 -2.93 6.37 -12.67
CA ARG A 174 -1.54 5.98 -12.50
C ARG A 174 -1.03 6.38 -11.12
N GLY A 175 -1.37 7.60 -10.69
CA GLY A 175 -0.96 8.07 -9.37
C GLY A 175 -1.65 7.32 -8.24
N MET A 176 -2.95 7.02 -8.39
CA MET A 176 -3.66 6.28 -7.35
C MET A 176 -3.17 4.84 -7.28
N GLU A 177 -2.77 4.27 -8.41
CA GLU A 177 -2.23 2.91 -8.39
C GLU A 177 -0.88 2.87 -7.68
N TYR A 178 -0.11 3.96 -7.73
CA TYR A 178 1.13 4.04 -6.98
C TYR A 178 0.88 4.10 -5.48
N LEU A 179 -0.03 4.99 -5.06
CA LEU A 179 -0.31 5.13 -3.64
C LEU A 179 -0.90 3.85 -3.06
N ALA A 180 -1.76 3.18 -3.84
CA ALA A 180 -2.34 1.91 -3.39
C ALA A 180 -1.28 0.84 -3.20
N SER A 181 -0.29 0.79 -4.10
CA SER A 181 0.76 -0.21 -3.99
C SER A 181 1.64 -0.01 -2.77
N GLN A 182 1.70 1.22 -2.24
CA GLN A 182 2.44 1.53 -1.03
C GLN A 182 1.59 1.42 0.22
N LYS A 183 0.44 0.74 0.12
CA LYS A 183 -0.45 0.49 1.26
C LYS A 183 -0.92 1.78 1.95
N CYS A 184 -1.09 2.84 1.16
CA CYS A 184 -1.56 4.15 1.63
C CYS A 184 -3.01 4.36 1.21
N ILE A 185 -3.83 4.85 2.13
CA ILE A 185 -5.23 5.18 1.86
C ILE A 185 -5.38 6.69 1.85
N HIS A 186 -6.09 7.21 0.85
CA HIS A 186 -6.25 8.66 0.76
C HIS A 186 -7.37 9.15 1.66
N ARG A 187 -8.55 8.54 1.57
CA ARG A 187 -9.76 8.79 2.35
C ARG A 187 -10.50 10.05 1.88
N ASP A 188 -9.91 10.90 1.02
CA ASP A 188 -10.66 12.07 0.56
C ASP A 188 -10.13 12.53 -0.80
N LEU A 189 -10.39 11.72 -1.83
CA LEU A 189 -9.92 12.00 -3.18
C LEU A 189 -11.03 12.75 -3.93
N ALA A 190 -10.73 13.99 -4.32
CA ALA A 190 -11.69 14.83 -5.03
C ALA A 190 -10.92 15.77 -5.93
N ALA A 191 -11.64 16.37 -6.89
CA ALA A 191 -11.00 17.25 -7.86
C ALA A 191 -10.33 18.45 -7.20
N ARG A 192 -10.90 18.93 -6.09
CA ARG A 192 -10.30 20.07 -5.41
C ARG A 192 -8.94 19.73 -4.81
N ASN A 193 -8.67 18.44 -4.54
CA ASN A 193 -7.39 18.01 -4.00
C ASN A 193 -6.40 17.54 -5.07
N VAL A 194 -6.70 17.77 -6.35
CA VAL A 194 -5.80 17.50 -7.46
C VAL A 194 -5.20 18.82 -7.89
N LEU A 195 -3.91 18.81 -8.25
CA LEU A 195 -3.21 20.04 -8.63
C LEU A 195 -2.56 19.88 -9.99
N VAL A 196 -2.43 21.01 -10.69
CA VAL A 196 -2.01 21.06 -12.09
C VAL A 196 -0.70 21.85 -12.17
N THR A 197 0.34 21.21 -12.70
CA THR A 197 1.61 21.89 -12.93
C THR A 197 1.50 22.69 -14.23
N GLU A 198 2.59 23.37 -14.60
CA GLU A 198 2.50 24.23 -15.77
C GLU A 198 2.65 23.45 -17.07
N ASN A 199 2.93 22.15 -16.99
CA ASN A 199 2.84 21.27 -18.16
C ASN A 199 1.61 20.37 -18.07
N ASN A 200 0.59 20.83 -17.34
CA ASN A 200 -0.69 20.14 -17.25
C ASN A 200 -0.49 18.71 -16.76
N VAL A 201 0.38 18.53 -15.77
CA VAL A 201 0.57 17.25 -15.11
C VAL A 201 -0.35 17.22 -13.89
N MET A 202 -1.06 16.12 -13.71
CA MET A 202 -1.97 15.98 -12.59
C MET A 202 -1.22 15.46 -11.37
N LYS A 203 -1.48 16.06 -10.20
CA LYS A 203 -0.77 15.72 -8.97
C LYS A 203 -1.76 15.58 -7.82
N ILE A 204 -1.91 14.34 -7.32
CA ILE A 204 -2.74 14.11 -6.14
C ILE A 204 -2.04 14.67 -4.91
N ALA A 205 -2.80 15.32 -4.04
CA ALA A 205 -2.23 15.98 -2.88
C ALA A 205 -3.01 15.63 -1.61
N ASP A 206 -2.39 15.92 -0.47
CA ASP A 206 -2.97 15.68 0.85
C ASP A 206 -3.36 14.21 1.04
N PHE A 207 -2.39 13.32 0.82
CA PHE A 207 -2.64 11.89 0.93
C PHE A 207 -2.16 11.28 2.25
N GLY A 208 -1.38 12.02 3.05
CA GLY A 208 -0.88 11.53 4.31
C GLY A 208 -1.64 11.97 5.54
N LEU A 209 -2.81 12.59 5.37
CA LEU A 209 -3.54 13.17 6.49
C LEU A 209 -4.01 12.08 7.46
N ALA A 210 -4.06 12.45 8.74
CA ALA A 210 -4.52 11.53 9.78
C ALA A 210 -6.05 11.47 9.80
N ARG A 211 -6.58 10.33 10.23
CA ARG A 211 -8.02 10.11 10.29
C ARG A 211 -8.48 10.31 11.73
N ASP A 212 -9.41 11.25 11.91
CA ASP A 212 -10.04 11.52 13.20
C ASP A 212 -11.56 11.42 13.00
N ILE A 213 -12.15 10.32 13.47
CA ILE A 213 -13.61 10.06 13.43
C ILE A 213 -14.53 11.25 13.17
N TYR A 219 -20.09 15.26 8.66
CA TYR A 219 -20.56 16.53 9.21
C TYR A 219 -21.11 17.43 8.12
N LYS A 220 -21.74 18.54 8.55
CA LYS A 220 -22.31 19.54 7.67
C LYS A 220 -21.37 20.72 7.46
N LYS A 221 -20.06 20.53 7.68
CA LYS A 221 -19.11 21.64 7.63
C LYS A 221 -18.39 21.63 6.28
N THR A 222 -18.80 22.54 5.41
CA THR A 222 -18.21 22.70 4.09
C THR A 222 -16.86 23.39 4.25
N THR A 223 -15.78 22.68 3.94
CA THR A 223 -14.43 23.24 3.95
C THR A 223 -13.94 23.33 2.52
N ASN A 224 -13.56 24.55 2.11
CA ASN A 224 -13.01 24.82 0.77
C ASN A 224 -14.05 24.66 -0.32
N GLY A 225 -15.31 24.95 0.00
CA GLY A 225 -16.32 24.89 -1.04
C GLY A 225 -16.91 23.52 -1.31
N ARG A 226 -16.51 22.48 -0.57
CA ARG A 226 -17.05 21.13 -0.82
C ARG A 226 -17.57 20.48 0.47
N LEU A 227 -18.62 19.66 0.32
CA LEU A 227 -19.18 18.85 1.39
C LEU A 227 -18.61 17.44 1.26
N PRO A 228 -17.58 17.08 2.04
CA PRO A 228 -16.81 15.86 1.74
C PRO A 228 -17.59 14.56 1.84
N VAL A 229 -18.79 14.57 2.39
CA VAL A 229 -19.51 13.32 2.56
C VAL A 229 -19.95 12.76 1.22
N LYS A 230 -20.07 13.61 0.19
CA LYS A 230 -20.51 13.19 -1.14
C LYS A 230 -19.45 12.42 -1.92
N TRP A 231 -18.24 12.27 -1.37
CA TRP A 231 -17.18 11.51 -2.01
C TRP A 231 -16.92 10.19 -1.30
N MET A 232 -17.62 9.92 -0.19
CA MET A 232 -17.36 8.74 0.61
C MET A 232 -18.11 7.53 0.08
N ALA A 233 -17.47 6.38 0.14
CA ALA A 233 -18.14 5.12 -0.15
C ALA A 233 -19.15 4.84 0.95
N PRO A 234 -20.17 4.04 0.68
CA PRO A 234 -21.15 3.72 1.72
C PRO A 234 -20.52 3.14 2.98
N GLU A 235 -19.51 2.28 2.83
CA GLU A 235 -18.89 1.66 3.99
C GLU A 235 -18.18 2.68 4.89
N ALA A 236 -17.64 3.75 4.30
CA ALA A 236 -17.04 4.81 5.10
C ALA A 236 -18.06 5.83 5.59
N LEU A 237 -19.20 5.96 4.91
CA LEU A 237 -20.22 6.90 5.32
C LEU A 237 -21.09 6.32 6.43
N PHE A 238 -21.41 5.03 6.34
CA PHE A 238 -22.30 4.39 7.29
C PHE A 238 -21.58 3.61 8.39
N ASP A 239 -20.35 3.17 8.15
CA ASP A 239 -19.60 2.38 9.12
C ASP A 239 -18.27 3.00 9.49
N ARG A 240 -17.87 4.11 8.86
CA ARG A 240 -16.60 4.77 9.15
C ARG A 240 -15.41 3.82 9.01
N VAL A 241 -15.45 2.97 7.98
CA VAL A 241 -14.34 2.07 7.65
C VAL A 241 -13.85 2.37 6.24
N TYR A 242 -12.53 2.45 6.09
CA TYR A 242 -11.87 2.84 4.85
C TYR A 242 -11.01 1.71 4.30
N THR A 243 -10.99 1.56 2.99
CA THR A 243 -10.16 0.57 2.31
C THR A 243 -9.63 1.19 1.02
N HIS A 244 -8.68 0.50 0.38
CA HIS A 244 -8.27 0.89 -0.96
C HIS A 244 -9.45 0.85 -1.93
N GLN A 245 -10.41 -0.04 -1.68
CA GLN A 245 -11.64 -0.09 -2.46
C GLN A 245 -12.51 1.12 -2.20
N SER A 246 -12.41 1.71 -1.02
CA SER A 246 -13.18 2.91 -0.73
C SER A 246 -12.65 4.10 -1.53
N ASP A 247 -11.33 4.18 -1.70
CA ASP A 247 -10.76 5.20 -2.58
C ASP A 247 -11.19 4.99 -4.03
N VAL A 248 -11.44 3.74 -4.43
CA VAL A 248 -11.92 3.48 -5.78
C VAL A 248 -13.32 4.07 -5.97
N TRP A 249 -14.16 4.02 -4.93
CA TRP A 249 -15.44 4.70 -4.98
C TRP A 249 -15.24 6.19 -5.23
N SER A 250 -14.27 6.78 -4.53
CA SER A 250 -13.99 8.21 -4.68
C SER A 250 -13.26 8.52 -5.97
N PHE A 251 -12.69 7.51 -6.64
CA PHE A 251 -12.23 7.76 -7.99
C PHE A 251 -13.41 7.99 -8.92
N GLY A 252 -14.49 7.23 -8.74
CA GLY A 252 -15.63 7.37 -9.64
C GLY A 252 -16.22 8.77 -9.64
N VAL A 253 -16.54 9.30 -8.45
CA VAL A 253 -16.98 10.69 -8.33
C VAL A 253 -15.96 11.63 -8.96
N LEU A 254 -14.67 11.39 -8.72
CA LEU A 254 -13.65 12.22 -9.34
C LEU A 254 -13.78 12.22 -10.87
N MET A 255 -14.01 11.04 -11.46
CA MET A 255 -14.24 10.97 -12.90
C MET A 255 -15.45 11.81 -13.29
N TRP A 256 -16.53 11.76 -12.51
CA TRP A 256 -17.71 12.56 -12.80
C TRP A 256 -17.43 14.06 -12.73
N GLU A 257 -16.64 14.49 -11.74
CA GLU A 257 -16.22 15.88 -11.67
C GLU A 257 -15.49 16.28 -12.95
N ILE A 258 -14.66 15.39 -13.47
CA ILE A 258 -13.80 15.76 -14.59
C ILE A 258 -14.63 15.98 -15.86
N PHE A 259 -15.47 15.00 -16.21
CA PHE A 259 -16.21 15.10 -17.46
C PHE A 259 -17.42 16.04 -17.39
N THR A 260 -17.74 16.57 -16.22
CA THR A 260 -18.68 17.68 -16.10
C THR A 260 -17.95 19.01 -15.95
N LEU A 261 -16.63 19.01 -16.11
CA LEU A 261 -15.82 20.22 -15.95
C LEU A 261 -16.09 20.91 -14.61
N GLY A 262 -16.03 20.12 -13.55
CA GLY A 262 -16.14 20.66 -12.21
C GLY A 262 -17.54 20.78 -11.66
N GLY A 263 -18.46 19.93 -12.10
CA GLY A 263 -19.78 19.92 -11.51
C GLY A 263 -19.72 19.50 -10.04
N SER A 264 -20.83 19.75 -9.34
CA SER A 264 -20.90 19.40 -7.93
C SER A 264 -21.80 18.19 -7.76
N PRO A 265 -21.28 17.07 -7.25
CA PRO A 265 -22.08 15.83 -7.26
C PRO A 265 -23.27 15.89 -6.31
N TYR A 266 -24.35 15.23 -6.74
CA TYR A 266 -25.64 15.24 -6.05
C TYR A 266 -26.04 16.70 -5.86
N PRO A 267 -26.34 17.42 -6.94
CA PRO A 267 -26.51 18.87 -6.85
C PRO A 267 -27.70 19.23 -5.97
N GLY A 268 -27.42 19.99 -4.92
CA GLY A 268 -28.45 20.55 -4.07
C GLY A 268 -29.23 19.55 -3.25
N ILE A 269 -28.70 18.35 -3.05
CA ILE A 269 -29.37 17.32 -2.27
C ILE A 269 -28.95 17.47 -0.82
N PRO A 270 -29.90 17.53 0.12
CA PRO A 270 -29.53 17.67 1.54
C PRO A 270 -28.76 16.45 2.02
N VAL A 271 -27.79 16.70 2.90
CA VAL A 271 -26.96 15.61 3.41
C VAL A 271 -27.83 14.53 4.05
N GLU A 272 -28.93 14.92 4.68
CA GLU A 272 -29.82 13.95 5.32
C GLU A 272 -30.49 13.01 4.32
N GLU A 273 -30.57 13.39 3.04
CA GLU A 273 -31.25 12.56 2.05
C GLU A 273 -30.29 11.69 1.25
N LEU A 274 -28.99 11.99 1.26
CA LEU A 274 -28.05 11.18 0.49
C LEU A 274 -27.94 9.77 1.06
N PHE A 275 -28.03 9.64 2.39
CA PHE A 275 -28.01 8.34 3.03
C PHE A 275 -29.12 7.45 2.48
N LYS A 276 -30.36 7.95 2.51
CA LYS A 276 -31.49 7.18 1.98
C LYS A 276 -31.33 6.95 0.48
N LEU A 277 -30.97 7.99 -0.26
CA LEU A 277 -30.82 7.86 -1.71
C LEU A 277 -29.73 6.85 -2.08
N LEU A 278 -28.70 6.73 -1.24
CA LEU A 278 -27.57 5.86 -1.59
C LEU A 278 -27.94 4.38 -1.42
N LYS A 279 -28.49 4.01 -0.27
CA LYS A 279 -28.83 2.60 -0.08
C LYS A 279 -30.06 2.17 -0.87
N GLU A 280 -30.73 3.11 -1.55
CA GLU A 280 -31.79 2.77 -2.49
C GLU A 280 -31.26 2.34 -3.86
N GLY A 281 -29.97 2.51 -4.11
CA GLY A 281 -29.36 2.10 -5.36
C GLY A 281 -29.19 3.19 -6.39
N HIS A 282 -29.69 4.40 -6.10
CA HIS A 282 -29.60 5.49 -7.07
C HIS A 282 -28.16 5.98 -7.17
N ARG A 283 -27.76 6.31 -8.40
CA ARG A 283 -26.42 6.79 -8.72
C ARG A 283 -26.52 8.01 -9.64
N MET A 284 -25.38 8.68 -9.80
CA MET A 284 -25.33 9.90 -10.59
C MET A 284 -25.49 9.61 -12.09
N ASP A 285 -26.01 10.62 -12.81
CA ASP A 285 -26.31 10.47 -14.22
C ASP A 285 -25.06 10.61 -15.10
N LYS A 286 -25.17 10.09 -16.33
CA LYS A 286 -24.07 10.08 -17.29
C LYS A 286 -23.77 11.49 -17.77
N PRO A 287 -22.54 11.99 -17.61
CA PRO A 287 -22.23 13.31 -18.15
C PRO A 287 -22.27 13.30 -19.67
N ALA A 288 -22.69 14.44 -20.23
CA ALA A 288 -22.62 14.62 -21.67
C ALA A 288 -21.16 14.68 -22.13
N ASN A 289 -20.95 14.45 -23.42
CA ASN A 289 -19.60 14.39 -24.00
C ASN A 289 -18.74 13.40 -23.23
N CYS A 290 -19.21 12.16 -23.18
CA CYS A 290 -18.53 11.10 -22.45
C CYS A 290 -19.05 9.77 -22.97
N THR A 291 -18.13 8.90 -23.39
CA THR A 291 -18.50 7.64 -24.02
C THR A 291 -19.15 6.68 -23.04
N ASN A 292 -19.91 5.72 -23.57
CA ASN A 292 -20.59 4.75 -22.71
C ASN A 292 -19.57 3.91 -21.94
N GLU A 293 -18.51 3.46 -22.60
CA GLU A 293 -17.56 2.60 -21.92
C GLU A 293 -16.92 3.32 -20.74
N LEU A 294 -16.74 4.63 -20.84
CA LEU A 294 -16.25 5.39 -19.69
C LEU A 294 -17.31 5.46 -18.60
N TYR A 295 -18.57 5.67 -18.98
CA TYR A 295 -19.63 5.72 -17.97
C TYR A 295 -19.93 4.35 -17.38
N MET A 296 -19.72 3.28 -18.16
CA MET A 296 -19.90 1.95 -17.59
C MET A 296 -18.71 1.57 -16.73
N MET A 297 -17.58 2.22 -16.95
CA MET A 297 -16.46 2.15 -16.02
C MET A 297 -16.73 2.99 -14.76
N MET A 298 -17.43 4.11 -14.93
CA MET A 298 -17.79 4.96 -13.80
C MET A 298 -18.65 4.24 -12.78
N ARG A 299 -19.63 3.44 -13.24
CA ARG A 299 -20.53 2.83 -12.26
C ARG A 299 -19.91 1.64 -11.55
N ASP A 300 -18.95 0.97 -12.19
CA ASP A 300 -18.32 -0.18 -11.54
C ASP A 300 -17.51 0.26 -10.32
N CYS A 301 -17.03 1.50 -10.32
CA CYS A 301 -16.46 2.05 -9.09
C CYS A 301 -17.52 2.24 -8.01
N TRP A 302 -18.79 2.42 -8.40
CA TRP A 302 -19.85 2.67 -7.43
C TRP A 302 -20.62 1.40 -7.05
N HIS A 303 -19.98 0.24 -7.15
CA HIS A 303 -20.59 -0.99 -6.65
C HIS A 303 -20.76 -0.94 -5.13
N ALA A 304 -21.89 -1.45 -4.64
CA ALA A 304 -22.15 -1.43 -3.20
C ALA A 304 -21.13 -2.24 -2.43
N VAL A 305 -20.76 -3.41 -2.96
CA VAL A 305 -19.75 -4.28 -2.36
C VAL A 305 -18.36 -3.79 -2.75
N PRO A 306 -17.50 -3.45 -1.78
CA PRO A 306 -16.17 -2.94 -2.15
C PRO A 306 -15.36 -3.92 -2.98
N SER A 307 -15.38 -5.21 -2.61
CA SER A 307 -14.66 -6.23 -3.36
C SER A 307 -15.07 -6.30 -4.83
N GLN A 308 -16.23 -5.78 -5.18
CA GLN A 308 -16.72 -5.82 -6.56
C GLN A 308 -16.26 -4.64 -7.39
N ARG A 309 -15.79 -3.57 -6.75
CA ARG A 309 -15.26 -2.42 -7.46
C ARG A 309 -13.93 -2.80 -8.14
N PRO A 310 -13.57 -2.12 -9.23
CA PRO A 310 -12.32 -2.45 -9.92
C PRO A 310 -11.12 -2.12 -9.05
N THR A 311 -10.01 -2.80 -9.32
CA THR A 311 -8.75 -2.38 -8.73
C THR A 311 -8.19 -1.21 -9.53
N PHE A 312 -7.30 -0.45 -8.88
CA PHE A 312 -6.58 0.60 -9.59
C PHE A 312 -5.77 0.03 -10.74
N LYS A 313 -5.33 -1.22 -10.63
CA LYS A 313 -4.49 -1.77 -11.69
C LYS A 313 -5.27 -1.93 -13.00
N GLN A 314 -6.52 -2.40 -12.94
CA GLN A 314 -7.29 -2.53 -14.18
C GLN A 314 -7.84 -1.19 -14.67
N LEU A 315 -8.09 -0.24 -13.76
CA LEU A 315 -8.44 1.10 -14.20
C LEU A 315 -7.32 1.67 -15.06
N VAL A 316 -6.07 1.43 -14.69
CA VAL A 316 -4.95 1.93 -15.48
C VAL A 316 -4.86 1.18 -16.80
N GLU A 317 -5.18 -0.11 -16.81
CA GLU A 317 -5.15 -0.87 -18.06
C GLU A 317 -6.23 -0.40 -19.03
N ASP A 318 -7.44 -0.17 -18.52
CA ASP A 318 -8.54 0.23 -19.39
C ASP A 318 -8.39 1.67 -19.89
N LEU A 319 -7.98 2.58 -19.01
CA LEU A 319 -7.83 3.97 -19.43
C LEU A 319 -6.71 4.14 -20.45
N ASP A 320 -5.66 3.31 -20.36
CA ASP A 320 -4.60 3.35 -21.36
C ASP A 320 -5.11 2.86 -22.72
N ARG A 321 -5.89 1.76 -22.73
CA ARG A 321 -6.42 1.25 -23.98
C ARG A 321 -7.41 2.22 -24.60
N ILE A 322 -8.18 2.93 -23.77
CA ILE A 322 -9.18 3.86 -24.29
C ILE A 322 -8.50 5.11 -24.83
N LEU A 323 -7.29 5.41 -24.35
CA LEU A 323 -6.61 6.61 -24.80
C LEU A 323 -6.26 6.55 -26.28
N THR A 324 -6.17 5.35 -26.86
CA THR A 324 -5.87 5.19 -28.26
C THR A 324 -7.05 4.54 -29.00
N GLU B 29 -19.36 -1.47 12.33
CA GLU B 29 -20.19 -2.63 12.00
C GLU B 29 -20.09 -2.96 10.50
N LEU B 30 -19.45 -4.08 10.20
CA LEU B 30 -18.75 -4.25 8.93
C LEU B 30 -19.72 -4.47 7.77
N PRO B 31 -19.42 -3.93 6.59
CA PRO B 31 -20.32 -4.09 5.45
C PRO B 31 -20.47 -5.55 5.04
N GLU B 32 -21.59 -5.83 4.37
CA GLU B 32 -21.89 -7.17 3.88
C GLU B 32 -21.07 -7.51 2.65
N ASP B 33 -20.83 -8.81 2.47
CA ASP B 33 -20.30 -9.36 1.22
C ASP B 33 -20.71 -10.84 1.16
N PRO B 34 -21.81 -11.17 0.46
CA PRO B 34 -22.31 -12.56 0.50
C PRO B 34 -21.32 -13.59 0.00
N LYS B 35 -20.53 -13.27 -1.01
CA LYS B 35 -19.62 -14.26 -1.58
C LYS B 35 -18.65 -14.79 -0.53
N TRP B 36 -18.35 -14.00 0.50
CA TRP B 36 -17.30 -14.35 1.44
C TRP B 36 -17.81 -14.63 2.85
N GLU B 37 -19.10 -14.47 3.11
CA GLU B 37 -19.62 -14.65 4.45
C GLU B 37 -19.73 -16.14 4.77
N PHE B 38 -19.27 -16.50 5.97
CA PHE B 38 -19.33 -17.86 6.46
C PHE B 38 -20.09 -17.88 7.77
N PRO B 39 -21.06 -18.78 7.95
CA PRO B 39 -21.90 -18.74 9.16
C PRO B 39 -21.13 -19.18 10.38
N ARG B 40 -21.27 -18.41 11.46
CA ARG B 40 -20.48 -18.65 12.67
C ARG B 40 -20.86 -19.94 13.38
N ASP B 41 -22.06 -20.47 13.13
CA ASP B 41 -22.45 -21.77 13.68
C ASP B 41 -21.48 -22.87 13.23
N LYS B 42 -21.19 -22.90 11.93
CA LYS B 42 -20.40 -23.97 11.35
C LYS B 42 -18.91 -23.87 11.64
N LEU B 43 -18.47 -22.90 12.45
CA LEU B 43 -17.06 -22.69 12.74
C LEU B 43 -16.81 -22.89 14.23
N THR B 44 -15.93 -23.84 14.57
CA THR B 44 -15.60 -24.17 15.95
C THR B 44 -14.11 -23.91 16.16
N LEU B 45 -13.80 -22.98 17.05
CA LEU B 45 -12.41 -22.58 17.27
C LEU B 45 -11.65 -23.66 18.02
N GLY B 46 -10.33 -23.51 18.05
CA GLY B 46 -9.45 -24.51 18.65
C GLY B 46 -8.26 -23.91 19.39
N LYS B 47 -7.17 -24.66 19.47
CA LYS B 47 -5.98 -24.20 20.17
C LYS B 47 -5.30 -23.08 19.39
N PRO B 48 -4.73 -22.09 20.06
CA PRO B 48 -4.04 -21.01 19.33
C PRO B 48 -2.75 -21.50 18.72
N LEU B 49 -2.33 -20.81 17.66
CA LEU B 49 -1.14 -21.19 16.92
C LEU B 49 0.00 -20.20 17.14
N GLY B 50 -0.21 -18.93 16.82
CA GLY B 50 0.83 -17.94 17.01
C GLY B 50 0.27 -16.54 16.83
N GLU B 51 1.20 -15.58 16.74
CA GLU B 51 0.84 -14.18 16.53
C GLU B 51 1.74 -13.53 15.50
N GLY B 52 1.28 -12.38 15.03
CA GLY B 52 1.97 -11.50 14.12
C GLY B 52 1.68 -10.06 14.53
N ALA B 53 1.98 -9.09 13.67
CA ALA B 53 1.67 -7.69 13.99
C ALA B 53 0.17 -7.43 13.97
N PHE B 54 -0.59 -8.30 13.28
CA PHE B 54 -2.01 -8.14 13.00
C PHE B 54 -2.95 -8.68 14.08
N GLY B 55 -2.44 -9.39 15.08
CA GLY B 55 -3.29 -10.02 16.08
C GLY B 55 -2.87 -11.44 16.38
N GLN B 56 -3.82 -12.33 16.63
CA GLN B 56 -3.50 -13.73 16.90
C GLN B 56 -4.15 -14.62 15.85
N VAL B 57 -3.53 -15.77 15.59
CA VAL B 57 -4.05 -16.76 14.64
C VAL B 57 -4.25 -18.08 15.38
N VAL B 58 -5.46 -18.63 15.28
CA VAL B 58 -5.89 -19.76 16.11
C VAL B 58 -6.46 -20.85 15.22
N MET B 59 -6.09 -22.09 15.51
CA MET B 59 -6.68 -23.23 14.84
C MET B 59 -8.18 -23.24 15.07
N ALA B 60 -8.92 -23.74 14.08
CA ALA B 60 -10.37 -23.83 14.16
C ALA B 60 -10.85 -24.81 13.09
N GLU B 61 -12.12 -25.21 13.16
CA GLU B 61 -12.62 -25.97 12.01
C GLU B 61 -13.99 -25.46 11.56
N ALA B 62 -14.23 -25.64 10.27
CA ALA B 62 -15.39 -25.10 9.58
C ALA B 62 -16.04 -26.20 8.77
N VAL B 63 -17.36 -26.36 8.96
CA VAL B 63 -18.16 -27.38 8.28
C VAL B 63 -18.77 -26.73 7.05
N GLY B 64 -18.43 -27.25 5.87
CA GLY B 64 -19.00 -26.72 4.66
C GLY B 64 -18.32 -25.51 4.08
N ILE B 65 -17.12 -25.18 4.56
CA ILE B 65 -16.36 -24.08 3.96
C ILE B 65 -16.02 -24.41 2.50
N ASP B 66 -15.98 -25.71 2.17
CA ASP B 66 -15.83 -26.18 0.80
C ASP B 66 -17.23 -26.43 0.26
N LYS B 67 -17.71 -25.53 -0.62
CA LYS B 67 -19.09 -25.61 -1.10
C LYS B 67 -19.33 -26.87 -1.93
N ASP B 68 -18.34 -27.28 -2.72
CA ASP B 68 -18.47 -28.49 -3.55
C ASP B 68 -18.77 -29.73 -2.70
N LYS B 69 -18.20 -29.82 -1.48
CA LYS B 69 -18.47 -30.91 -0.55
C LYS B 69 -19.07 -30.33 0.73
N PRO B 70 -20.39 -30.13 0.78
CA PRO B 70 -20.97 -29.32 1.84
C PRO B 70 -21.21 -30.04 3.16
N LYS B 71 -20.85 -31.32 3.29
CA LYS B 71 -21.00 -32.03 4.55
C LYS B 71 -19.66 -32.38 5.18
N GLU B 72 -18.60 -31.67 4.81
CA GLU B 72 -17.23 -31.97 5.21
C GLU B 72 -16.69 -30.91 6.16
N ALA B 73 -16.09 -31.35 7.27
CA ALA B 73 -15.30 -30.47 8.12
C ALA B 73 -13.88 -30.33 7.55
N VAL B 74 -13.39 -29.09 7.45
CA VAL B 74 -12.07 -28.78 6.92
C VAL B 74 -11.29 -27.99 7.95
N THR B 75 -10.01 -28.34 8.16
CA THR B 75 -9.18 -27.62 9.12
C THR B 75 -8.75 -26.27 8.55
N VAL B 76 -8.92 -25.21 9.33
CA VAL B 76 -8.57 -23.87 8.89
C VAL B 76 -7.88 -23.13 10.02
N ALA B 77 -7.23 -22.01 9.65
CA ALA B 77 -6.65 -21.06 10.59
C ALA B 77 -7.39 -19.75 10.43
N VAL B 78 -7.80 -19.16 11.53
CA VAL B 78 -8.52 -17.90 11.52
C VAL B 78 -7.70 -16.83 12.24
N LYS B 79 -7.66 -15.64 11.66
CA LYS B 79 -6.97 -14.49 12.22
C LYS B 79 -7.98 -13.59 12.92
N MET B 80 -7.65 -13.16 14.14
CA MET B 80 -8.54 -12.33 14.93
C MET B 80 -7.72 -11.39 15.82
N LEU B 81 -8.42 -10.46 16.46
CA LEU B 81 -7.76 -9.47 17.31
C LEU B 81 -7.44 -10.05 18.68
N LYS B 82 -6.38 -9.51 19.29
CA LYS B 82 -6.00 -9.88 20.66
C LYS B 82 -6.96 -9.32 21.70
N ASP B 84 -6.03 -5.28 25.18
CA ASP B 84 -6.50 -5.76 23.90
C ASP B 84 -6.38 -4.70 22.80
N ALA B 85 -6.55 -5.15 21.56
CA ALA B 85 -6.27 -4.33 20.38
C ALA B 85 -7.32 -3.23 20.19
N THR B 86 -6.85 -2.13 19.57
CA THR B 86 -7.53 -0.85 19.42
C THR B 86 -8.63 -0.88 18.33
N GLU B 87 -9.29 0.27 18.16
CA GLU B 87 -10.18 0.48 17.02
C GLU B 87 -9.38 0.65 15.74
N LYS B 88 -8.13 1.13 15.85
CA LYS B 88 -7.24 1.16 14.69
C LYS B 88 -6.88 -0.24 14.23
N ASP B 89 -6.65 -1.16 15.17
CA ASP B 89 -6.27 -2.52 14.81
C ASP B 89 -7.39 -3.23 14.07
N LEU B 90 -8.64 -2.79 14.28
CA LEU B 90 -9.77 -3.41 13.60
C LEU B 90 -9.81 -3.01 12.12
N SER B 91 -9.47 -1.74 11.82
CA SER B 91 -9.43 -1.31 10.43
C SER B 91 -8.33 -2.01 9.64
N ASP B 92 -7.19 -2.28 10.29
CA ASP B 92 -6.09 -2.91 9.59
C ASP B 92 -6.31 -4.40 9.38
N LEU B 93 -7.23 -5.01 10.13
CA LEU B 93 -7.61 -6.36 9.79
C LEU B 93 -8.64 -6.35 8.66
N VAL B 94 -9.55 -5.37 8.67
CA VAL B 94 -10.56 -5.30 7.63
C VAL B 94 -9.91 -4.97 6.29
N SER B 95 -8.92 -4.09 6.29
CA SER B 95 -8.28 -3.75 5.04
C SER B 95 -7.27 -4.79 4.58
N GLU B 96 -6.80 -5.65 5.49
CA GLU B 96 -6.04 -6.82 5.06
C GLU B 96 -6.97 -7.89 4.51
N MET B 97 -8.15 -8.04 5.11
CA MET B 97 -9.07 -9.05 4.60
C MET B 97 -9.61 -8.64 3.24
N GLU B 98 -9.99 -7.37 3.07
CA GLU B 98 -10.53 -6.95 1.79
C GLU B 98 -9.45 -6.75 0.74
N MET B 99 -8.19 -6.64 1.16
CA MET B 99 -7.14 -6.62 0.15
C MET B 99 -6.77 -8.03 -0.29
N MET B 100 -6.97 -9.02 0.58
CA MET B 100 -6.77 -10.41 0.17
C MET B 100 -7.79 -10.84 -0.88
N LYS B 101 -8.99 -10.25 -0.87
CA LYS B 101 -9.98 -10.57 -1.89
C LYS B 101 -9.60 -10.01 -3.25
N MET B 102 -8.85 -8.90 -3.27
CA MET B 102 -8.59 -8.22 -4.54
C MET B 102 -7.44 -8.87 -5.31
N ILE B 103 -6.42 -9.38 -4.60
CA ILE B 103 -5.22 -9.84 -5.31
C ILE B 103 -5.34 -11.28 -5.78
N GLY B 104 -6.46 -11.94 -5.55
CA GLY B 104 -6.68 -13.25 -6.15
C GLY B 104 -6.04 -14.37 -5.36
N LYS B 105 -5.98 -15.54 -6.00
CA LYS B 105 -5.49 -16.77 -5.40
C LYS B 105 -4.26 -17.30 -6.14
N HIS B 106 -3.42 -18.04 -5.42
CA HIS B 106 -2.25 -18.69 -6.00
C HIS B 106 -1.88 -19.90 -5.14
N LYS B 107 -1.24 -20.87 -5.79
CA LYS B 107 -0.86 -22.10 -5.11
C LYS B 107 0.15 -21.86 -3.98
N ASN B 108 0.98 -20.82 -4.09
CA ASN B 108 2.12 -20.65 -3.21
C ASN B 108 1.97 -19.52 -2.20
N ILE B 109 0.73 -19.18 -1.84
CA ILE B 109 0.44 -18.18 -0.82
C ILE B 109 -0.68 -18.71 0.07
N ILE B 110 -0.74 -18.18 1.29
CA ILE B 110 -1.83 -18.53 2.21
C ILE B 110 -3.06 -17.73 1.79
N ASN B 111 -4.05 -18.43 1.24
CA ASN B 111 -5.20 -17.78 0.64
C ASN B 111 -6.34 -17.60 1.63
N LEU B 112 -7.20 -16.64 1.34
CA LEU B 112 -8.39 -16.40 2.15
C LEU B 112 -9.49 -17.37 1.74
N LEU B 113 -10.18 -17.92 2.72
CA LEU B 113 -11.27 -18.86 2.47
C LEU B 113 -12.65 -18.30 2.81
N GLY B 114 -12.74 -17.36 3.73
CA GLY B 114 -14.02 -16.81 4.12
C GLY B 114 -13.86 -15.98 5.38
N ALA B 115 -15.00 -15.45 5.84
CA ALA B 115 -14.98 -14.53 6.98
C ALA B 115 -16.33 -14.56 7.68
N CYS B 116 -16.31 -14.15 8.96
CA CYS B 116 -17.53 -13.94 9.72
C CYS B 116 -17.50 -12.47 10.09
N THR B 117 -18.41 -11.71 9.50
CA THR B 117 -18.27 -10.25 9.55
C THR B 117 -19.27 -9.59 10.48
N GLN B 118 -20.56 -9.69 10.15
CA GLN B 118 -21.53 -8.75 10.70
C GLN B 118 -22.05 -9.10 12.10
N ASP B 119 -22.27 -10.38 12.40
CA ASP B 119 -23.06 -10.70 13.60
C ASP B 119 -22.22 -10.81 14.87
N GLY B 120 -20.93 -11.04 14.76
CA GLY B 120 -20.15 -11.12 15.97
C GLY B 120 -18.85 -10.37 15.87
N PRO B 121 -17.83 -10.82 16.59
CA PRO B 121 -16.49 -10.28 16.38
C PRO B 121 -15.95 -10.78 15.05
N LEU B 122 -15.02 -10.04 14.48
CA LEU B 122 -14.54 -10.40 13.16
C LEU B 122 -13.58 -11.58 13.15
N PTR B 123 -13.90 -12.56 12.31
CA PTR B 123 -13.03 -13.71 12.08
C PTR B 123 -12.65 -13.80 10.61
O PTR B 123 -13.52 -13.82 9.75
CB PTR B 123 -13.72 -15.02 12.51
CG PTR B 123 -14.06 -15.09 13.98
CD1 PTR B 123 -13.23 -14.52 14.93
CD2 PTR B 123 -15.22 -15.73 14.40
CE1 PTR B 123 -13.55 -14.59 16.28
CE2 PTR B 123 -15.54 -15.79 15.75
CZ PTR B 123 -14.71 -15.23 16.69
OH PTR B 123 -15.01 -15.30 17.96
P PTR B 123 -16.24 -16.15 18.57
O1P PTR B 123 -16.18 -16.08 20.11
O2P PTR B 123 -16.15 -17.57 18.17
O3P PTR B 123 -17.59 -15.57 18.09
N VAL B 124 -11.36 -13.85 10.32
CA VAL B 124 -10.91 -14.01 8.94
C VAL B 124 -10.24 -15.37 8.75
N ILE B 125 -10.88 -16.21 7.94
CA ILE B 125 -10.55 -17.61 7.79
C ILE B 125 -9.64 -17.79 6.58
N VAL B 126 -8.43 -18.29 6.81
CA VAL B 126 -7.43 -18.51 5.76
C VAL B 126 -6.98 -19.97 5.79
N GLU B 127 -6.18 -20.35 4.78
CA GLU B 127 -5.77 -21.74 4.62
C GLU B 127 -4.89 -22.23 5.78
N TYR B 128 -4.96 -23.53 6.04
CA TYR B 128 -4.23 -24.16 7.13
C TYR B 128 -3.09 -25.01 6.57
N ALA B 129 -1.88 -24.76 7.07
CA ALA B 129 -0.68 -25.47 6.65
C ALA B 129 -0.17 -26.27 7.85
N SER B 130 -0.35 -27.59 7.78
CA SER B 130 -0.18 -28.43 8.97
C SER B 130 1.24 -28.47 9.49
N LYS B 131 2.24 -28.28 8.63
CA LYS B 131 3.63 -28.45 9.04
C LYS B 131 4.26 -27.20 9.65
N GLY B 132 3.50 -26.11 9.81
CA GLY B 132 4.03 -24.93 10.47
C GLY B 132 4.87 -24.08 9.53
N ASN B 133 5.65 -23.19 10.14
CA ASN B 133 6.45 -22.25 9.37
C ASN B 133 7.73 -22.92 8.85
N LEU B 134 8.34 -22.29 7.84
CA LEU B 134 9.47 -22.93 7.17
C LEU B 134 10.71 -22.93 8.04
N ARG B 135 11.00 -21.84 8.75
CA ARG B 135 12.26 -21.72 9.48
C ARG B 135 12.43 -22.84 10.50
N GLU B 136 11.41 -23.09 11.30
CA GLU B 136 11.51 -24.19 12.24
C GLU B 136 11.25 -25.55 11.58
N TYR B 137 10.55 -25.56 10.45
CA TYR B 137 10.46 -26.79 9.66
C TYR B 137 11.85 -27.23 9.18
N LEU B 138 12.64 -26.28 8.66
CA LEU B 138 13.97 -26.65 8.18
C LEU B 138 14.90 -26.97 9.34
N ARG B 139 14.80 -26.22 10.44
CA ARG B 139 15.67 -26.44 11.59
C ARG B 139 15.43 -27.81 12.21
N ALA B 140 14.18 -28.26 12.24
CA ALA B 140 13.87 -29.59 12.77
C ALA B 140 14.46 -30.70 11.91
N ARG B 141 14.80 -30.40 10.64
CA ARG B 141 15.30 -31.39 9.69
C ARG B 141 16.79 -31.24 9.37
N ARG B 142 17.60 -30.73 10.31
CA ARG B 142 19.03 -30.69 10.09
C ARG B 142 19.71 -31.92 10.70
N PRO B 143 20.96 -32.20 10.33
CA PRO B 143 21.57 -33.49 10.70
C PRO B 143 21.89 -33.55 12.19
N PRO B 144 22.14 -34.74 12.71
CA PRO B 144 22.48 -34.87 14.14
C PRO B 144 23.75 -34.10 14.49
N GLY B 145 23.72 -33.40 15.63
CA GLY B 145 24.85 -32.62 16.06
C GLY B 145 24.95 -31.24 15.43
N MET B 146 24.08 -30.94 14.47
CA MET B 146 24.07 -29.69 13.70
C MET B 146 22.87 -28.84 14.02
N GLU B 147 22.41 -28.91 15.26
CA GLU B 147 21.17 -28.25 15.62
C GLU B 147 21.33 -26.76 15.85
N PTR B 148 20.20 -26.06 15.82
CA PTR B 148 20.19 -24.63 16.13
C PTR B 148 19.89 -24.43 17.61
O PTR B 148 20.39 -23.48 18.23
CB PTR B 148 19.16 -23.87 15.31
CG PTR B 148 19.29 -22.38 15.47
CD1 PTR B 148 18.53 -21.67 16.38
CD2 PTR B 148 20.24 -21.69 14.73
CE1 PTR B 148 18.67 -20.30 16.53
CE2 PTR B 148 20.41 -20.33 14.88
CZ PTR B 148 19.62 -19.62 15.77
OH PTR B 148 19.82 -18.32 15.85
P PTR B 148 18.76 -17.22 16.32
O1P PTR B 148 19.35 -15.82 16.11
O2P PTR B 148 17.45 -17.34 15.53
O3P PTR B 148 18.48 -17.39 17.77
N SER B 149 19.09 -25.34 18.15
CA SER B 149 18.58 -25.24 19.51
C SER B 149 17.95 -26.57 19.89
N TYR B 150 17.64 -26.73 21.18
CA TYR B 150 16.92 -27.89 21.70
C TYR B 150 15.42 -27.78 21.42
N ASP B 151 14.98 -28.46 20.35
CA ASP B 151 13.58 -28.69 20.00
C ASP B 151 13.54 -30.11 19.45
N ILE B 152 12.46 -30.86 19.68
CA ILE B 152 12.46 -32.23 19.17
C ILE B 152 12.37 -32.19 17.65
N ASN B 153 13.24 -32.99 16.99
CA ASN B 153 13.49 -33.00 15.55
C ASN B 153 12.55 -33.96 14.80
N ARG B 154 12.85 -34.15 13.51
CA ARG B 154 12.10 -35.02 12.62
C ARG B 154 13.06 -35.83 11.76
N GLU B 158 14.18 -38.75 6.68
CA GLU B 158 13.60 -37.49 7.14
C GLU B 158 14.61 -36.35 7.14
N GLN B 159 15.31 -36.15 6.03
CA GLN B 159 16.27 -35.07 5.87
C GLN B 159 16.13 -34.59 4.43
N MET B 160 16.22 -33.28 4.21
CA MET B 160 15.91 -32.78 2.87
C MET B 160 17.10 -32.92 1.95
N THR B 161 16.81 -33.22 0.69
CA THR B 161 17.82 -33.39 -0.33
C THR B 161 18.00 -32.09 -1.09
N PHE B 162 19.02 -32.07 -1.96
CA PHE B 162 19.28 -30.88 -2.75
C PHE B 162 18.11 -30.53 -3.67
N LYS B 163 17.53 -31.53 -4.34
CA LYS B 163 16.36 -31.27 -5.17
C LYS B 163 15.21 -30.75 -4.31
N ASP B 164 15.06 -31.27 -3.11
CA ASP B 164 14.09 -30.75 -2.16
C ASP B 164 14.26 -29.26 -1.94
N LEU B 165 15.51 -28.80 -1.79
CA LEU B 165 15.75 -27.41 -1.44
C LEU B 165 15.54 -26.49 -2.63
N VAL B 166 15.88 -26.93 -3.84
CA VAL B 166 15.77 -26.03 -4.97
C VAL B 166 14.31 -25.85 -5.41
N SER B 167 13.49 -26.90 -5.32
CA SER B 167 12.09 -26.76 -5.68
C SER B 167 11.33 -25.96 -4.65
N CYS B 168 11.86 -25.92 -3.43
CA CYS B 168 11.28 -25.07 -2.40
C CYS B 168 11.48 -23.61 -2.73
N THR B 169 12.66 -23.27 -3.26
CA THR B 169 12.90 -21.90 -3.70
C THR B 169 12.10 -21.57 -4.94
N TYR B 170 11.99 -22.52 -5.88
CA TYR B 170 11.19 -22.31 -7.08
C TYR B 170 9.75 -21.99 -6.73
N GLN B 171 9.15 -22.76 -5.82
CA GLN B 171 7.79 -22.51 -5.41
C GLN B 171 7.64 -21.11 -4.83
N LEU B 172 8.59 -20.66 -4.01
CA LEU B 172 8.46 -19.35 -3.40
C LEU B 172 8.64 -18.23 -4.41
N ALA B 173 9.56 -18.41 -5.36
CA ALA B 173 9.70 -17.42 -6.43
C ALA B 173 8.42 -17.32 -7.25
N ARG B 174 7.79 -18.46 -7.54
CA ARG B 174 6.53 -18.44 -8.26
C ARG B 174 5.50 -17.61 -7.51
N GLY B 175 5.46 -17.77 -6.18
CA GLY B 175 4.52 -17.02 -5.36
C GLY B 175 4.82 -15.54 -5.33
N MET B 176 6.10 -15.18 -5.24
CA MET B 176 6.45 -13.75 -5.24
C MET B 176 6.21 -13.11 -6.61
N GLU B 177 6.41 -13.86 -7.69
CA GLU B 177 6.14 -13.28 -9.00
C GLU B 177 4.64 -13.03 -9.20
N TYR B 178 3.80 -13.86 -8.59
CA TYR B 178 2.38 -13.57 -8.66
C TYR B 178 2.07 -12.30 -7.88
N LEU B 179 2.60 -12.21 -6.66
CA LEU B 179 2.33 -11.05 -5.82
C LEU B 179 2.83 -9.77 -6.48
N ALA B 180 4.02 -9.81 -7.10
CA ALA B 180 4.55 -8.62 -7.75
C ALA B 180 3.63 -8.17 -8.89
N SER B 181 3.08 -9.12 -9.65
CA SER B 181 2.21 -8.77 -10.77
C SER B 181 0.91 -8.11 -10.31
N GLN B 182 0.48 -8.36 -9.08
CA GLN B 182 -0.69 -7.71 -8.51
C GLN B 182 -0.34 -6.43 -7.76
N LYS B 183 0.84 -5.85 -8.03
CA LYS B 183 1.29 -4.60 -7.42
C LYS B 183 1.40 -4.70 -5.90
N CYS B 184 1.75 -5.88 -5.40
CA CYS B 184 1.86 -6.11 -3.96
C CYS B 184 3.32 -6.08 -3.55
N ILE B 185 3.61 -5.37 -2.47
CA ILE B 185 4.93 -5.37 -1.85
C ILE B 185 4.81 -6.07 -0.51
N HIS B 186 5.75 -6.95 -0.22
CA HIS B 186 5.64 -7.71 1.02
C HIS B 186 6.19 -6.93 2.22
N ARG B 187 7.41 -6.41 2.09
CA ARG B 187 8.15 -5.60 3.05
C ARG B 187 8.77 -6.43 4.19
N ASP B 188 8.42 -7.71 4.35
CA ASP B 188 9.06 -8.49 5.42
C ASP B 188 9.06 -9.97 5.04
N LEU B 189 9.85 -10.30 4.03
CA LEU B 189 9.93 -11.67 3.54
C LEU B 189 11.06 -12.37 4.25
N ALA B 190 10.73 -13.40 5.03
CA ALA B 190 11.69 -14.16 5.80
C ALA B 190 11.17 -15.58 5.94
N ALA B 191 12.08 -16.50 6.29
CA ALA B 191 11.69 -17.91 6.36
C ALA B 191 10.57 -18.13 7.36
N ARG B 192 10.55 -17.37 8.45
CA ARG B 192 9.51 -17.55 9.46
C ARG B 192 8.13 -17.20 8.91
N ASN B 193 8.04 -16.37 7.88
CA ASN B 193 6.75 -15.99 7.31
C ASN B 193 6.33 -16.86 6.12
N VAL B 194 7.06 -17.96 5.84
CA VAL B 194 6.68 -18.97 4.85
C VAL B 194 6.20 -20.20 5.61
N LEU B 195 5.13 -20.83 5.12
CA LEU B 195 4.53 -21.98 5.80
C LEU B 195 4.40 -23.16 4.87
N VAL B 196 4.43 -24.36 5.46
CA VAL B 196 4.50 -25.62 4.73
C VAL B 196 3.25 -26.43 5.02
N THR B 197 2.52 -26.82 3.97
CA THR B 197 1.35 -27.67 4.06
C THR B 197 1.79 -29.14 4.18
N GLU B 198 0.80 -30.05 4.25
CA GLU B 198 1.14 -31.43 4.57
C GLU B 198 1.72 -32.19 3.39
N ASN B 199 1.73 -31.61 2.19
CA ASN B 199 2.48 -32.18 1.07
C ASN B 199 3.62 -31.25 0.63
N ASN B 200 4.17 -30.49 1.57
CA ASN B 200 5.38 -29.67 1.35
C ASN B 200 5.20 -28.62 0.25
N VAL B 201 4.06 -27.95 0.26
CA VAL B 201 3.84 -26.79 -0.60
C VAL B 201 4.19 -25.53 0.18
N MET B 202 5.00 -24.67 -0.42
CA MET B 202 5.43 -23.45 0.24
C MET B 202 4.41 -22.34 -0.01
N LYS B 203 4.08 -21.60 1.05
CA LYS B 203 3.02 -20.59 1.02
C LYS B 203 3.50 -19.34 1.72
N ILE B 204 3.64 -18.25 0.96
CA ILE B 204 3.96 -16.95 1.54
C ILE B 204 2.75 -16.42 2.29
N ALA B 205 2.97 -15.84 3.47
CA ALA B 205 1.88 -15.37 4.31
C ALA B 205 2.15 -13.94 4.79
N ASP B 206 1.08 -13.31 5.29
CA ASP B 206 1.10 -11.93 5.79
C ASP B 206 1.61 -10.95 4.74
N PHE B 207 1.00 -11.01 3.55
CA PHE B 207 1.42 -10.19 2.43
C PHE B 207 0.51 -8.97 2.21
N GLY B 208 -0.67 -8.95 2.82
CA GLY B 208 -1.59 -7.84 2.68
C GLY B 208 -1.61 -6.87 3.84
N LEU B 209 -0.70 -7.01 4.81
CA LEU B 209 -0.76 -6.18 6.01
C LEU B 209 -0.54 -4.71 5.69
N ALA B 210 -1.17 -3.86 6.48
CA ALA B 210 -1.04 -2.42 6.31
C ALA B 210 0.28 -1.91 6.87
N ARG B 211 0.71 -0.77 6.35
CA ARG B 211 1.97 -0.13 6.74
C ARG B 211 1.65 0.96 7.76
N ASP B 212 2.39 0.98 8.86
CA ASP B 212 2.15 1.91 9.95
C ASP B 212 3.28 2.96 9.96
N ILE B 213 3.46 3.64 11.09
CA ILE B 213 4.47 4.68 11.25
C ILE B 213 5.67 4.08 11.98
N ASN B 214 6.81 4.02 11.28
CA ASN B 214 8.05 3.43 11.81
C ASN B 214 8.49 4.04 13.14
N ASP B 217 7.65 1.08 14.86
CA ASP B 217 8.73 0.14 15.18
C ASP B 217 10.14 0.79 15.05
N TYR B 218 11.00 0.59 16.06
CA TYR B 218 12.42 0.78 15.82
C TYR B 218 12.95 -0.27 14.85
N TYR B 219 12.32 -1.45 14.85
CA TYR B 219 12.63 -2.63 14.03
C TYR B 219 13.90 -3.34 14.51
N LYS B 220 14.62 -2.82 15.50
CA LYS B 220 15.82 -3.45 16.00
C LYS B 220 15.51 -4.31 17.23
N LYS B 221 14.23 -4.59 17.46
CA LYS B 221 13.72 -5.38 18.57
C LYS B 221 13.25 -6.73 18.02
N THR B 222 13.62 -7.81 18.69
CA THR B 222 13.34 -9.16 18.19
C THR B 222 11.84 -9.44 18.21
N THR B 223 11.27 -9.62 17.02
CA THR B 223 9.88 -10.05 16.84
C THR B 223 9.88 -11.44 16.22
N ASN B 224 9.30 -12.41 16.92
CA ASN B 224 9.10 -13.78 16.42
C ASN B 224 10.43 -14.52 16.19
N GLY B 225 11.41 -14.28 17.06
CA GLY B 225 12.69 -14.97 16.96
C GLY B 225 13.68 -14.38 15.99
N ARG B 226 13.33 -13.30 15.28
CA ARG B 226 14.21 -12.67 14.32
C ARG B 226 14.23 -11.15 14.54
N LEU B 227 15.35 -10.54 14.16
CA LEU B 227 15.46 -9.09 14.08
C LEU B 227 15.22 -8.69 12.62
N PRO B 228 14.04 -8.17 12.27
CA PRO B 228 13.70 -7.99 10.85
C PRO B 228 14.64 -7.06 10.11
N VAL B 229 15.52 -6.35 10.82
CA VAL B 229 16.39 -5.41 10.14
C VAL B 229 17.43 -6.13 9.29
N LYS B 230 17.75 -7.38 9.63
CA LYS B 230 18.70 -8.19 8.89
C LYS B 230 18.14 -8.74 7.58
N TRP B 231 16.87 -8.48 7.29
CA TRP B 231 16.23 -8.90 6.05
C TRP B 231 15.96 -7.74 5.12
N MET B 232 16.19 -6.50 5.55
CA MET B 232 15.93 -5.29 4.77
C MET B 232 17.09 -4.94 3.86
N ALA B 233 16.74 -4.45 2.68
CA ALA B 233 17.71 -3.89 1.76
C ALA B 233 18.22 -2.55 2.30
N PRO B 234 19.47 -2.19 1.97
CA PRO B 234 20.00 -0.90 2.45
C PRO B 234 19.18 0.30 2.00
N GLU B 235 18.71 0.33 0.76
CA GLU B 235 17.97 1.50 0.30
C GLU B 235 16.64 1.64 1.03
N ALA B 236 16.05 0.53 1.47
CA ALA B 236 14.84 0.59 2.28
C ALA B 236 15.17 0.90 3.73
N LEU B 237 16.43 0.67 4.13
CA LEU B 237 16.89 0.92 5.49
C LEU B 237 17.16 2.39 5.74
N PHE B 238 17.74 3.03 4.73
CA PHE B 238 18.26 4.38 4.83
C PHE B 238 17.28 5.42 4.31
N ASP B 239 16.29 5.02 3.51
CA ASP B 239 15.30 5.93 2.98
C ASP B 239 13.89 5.59 3.42
N ARG B 240 13.72 4.47 4.13
CA ARG B 240 12.43 4.03 4.67
C ARG B 240 11.34 3.94 3.59
N VAL B 241 11.73 3.56 2.37
CA VAL B 241 10.80 3.33 1.28
C VAL B 241 11.05 1.94 0.70
N TYR B 242 9.97 1.21 0.41
CA TYR B 242 10.06 -0.18 -0.02
C TYR B 242 9.63 -0.29 -1.49
N THR B 243 10.30 -1.18 -2.23
CA THR B 243 9.98 -1.40 -3.63
C THR B 243 10.08 -2.88 -3.97
N HIS B 244 9.59 -3.24 -5.16
CA HIS B 244 9.77 -4.61 -5.63
C HIS B 244 11.23 -5.00 -5.70
N GLN B 245 12.12 -4.05 -5.99
CA GLN B 245 13.54 -4.37 -6.03
C GLN B 245 14.08 -4.69 -4.65
N SER B 246 13.53 -4.07 -3.61
CA SER B 246 13.95 -4.43 -2.26
C SER B 246 13.40 -5.79 -1.85
N ASP B 247 12.19 -6.13 -2.32
CA ASP B 247 11.63 -7.45 -2.04
C ASP B 247 12.52 -8.57 -2.60
N VAL B 248 13.23 -8.30 -3.70
CA VAL B 248 14.19 -9.26 -4.22
C VAL B 248 15.37 -9.41 -3.28
N TRP B 249 15.81 -8.30 -2.68
CA TRP B 249 16.90 -8.38 -1.70
C TRP B 249 16.53 -9.29 -0.54
N SER B 250 15.30 -9.20 -0.05
CA SER B 250 14.89 -10.08 1.03
C SER B 250 14.63 -11.49 0.52
N PHE B 251 14.42 -11.66 -0.78
CA PHE B 251 14.40 -13.01 -1.35
C PHE B 251 15.79 -13.62 -1.26
N GLY B 252 16.83 -12.84 -1.55
CA GLY B 252 18.18 -13.36 -1.47
C GLY B 252 18.51 -13.86 -0.08
N VAL B 253 18.25 -13.01 0.93
CA VAL B 253 18.37 -13.47 2.32
C VAL B 253 17.57 -14.75 2.52
N LEU B 254 16.34 -14.79 2.01
CA LEU B 254 15.51 -15.98 2.17
C LEU B 254 16.18 -17.22 1.59
N MET B 255 16.79 -17.09 0.41
CA MET B 255 17.51 -18.22 -0.16
C MET B 255 18.60 -18.70 0.78
N TRP B 256 19.34 -17.76 1.39
CA TRP B 256 20.40 -18.14 2.31
C TRP B 256 19.84 -18.92 3.49
N GLU B 257 18.67 -18.52 3.99
CA GLU B 257 18.03 -19.26 5.06
C GLU B 257 17.81 -20.71 4.68
N ILE B 258 17.41 -20.95 3.42
CA ILE B 258 17.00 -22.29 3.00
C ILE B 258 18.21 -23.23 2.92
N PHE B 259 19.25 -22.83 2.19
CA PHE B 259 20.38 -23.73 1.97
C PHE B 259 21.32 -23.82 3.16
N THR B 260 21.09 -23.04 4.21
CA THR B 260 21.70 -23.29 5.51
C THR B 260 20.74 -24.01 6.45
N LEU B 261 19.57 -24.41 5.94
CA LEU B 261 18.54 -25.11 6.70
C LEU B 261 18.16 -24.34 7.97
N GLY B 262 17.83 -23.05 7.79
CA GLY B 262 17.35 -22.26 8.92
C GLY B 262 18.42 -21.52 9.69
N GLY B 263 19.52 -21.17 9.03
CA GLY B 263 20.54 -20.35 9.67
C GLY B 263 20.04 -18.97 10.02
N SER B 264 20.85 -18.28 10.83
CA SER B 264 20.55 -16.93 11.28
C SER B 264 21.45 -15.97 10.53
N PRO B 265 20.89 -15.01 9.79
CA PRO B 265 21.72 -14.18 8.91
C PRO B 265 22.62 -13.24 9.70
N TYR B 266 23.81 -13.01 9.13
CA TYR B 266 24.86 -12.18 9.71
C TYR B 266 25.17 -12.64 11.14
N PRO B 267 25.79 -13.81 11.29
CA PRO B 267 25.96 -14.40 12.63
C PRO B 267 26.84 -13.55 13.53
N GLY B 268 26.26 -13.12 14.65
CA GLY B 268 27.00 -12.41 15.68
C GLY B 268 27.46 -11.02 15.31
N ILE B 269 26.87 -10.41 14.28
CA ILE B 269 27.23 -9.04 13.90
C ILE B 269 26.28 -8.09 14.62
N PRO B 270 26.79 -7.09 15.34
CA PRO B 270 25.89 -6.13 15.99
C PRO B 270 25.11 -5.34 14.96
N VAL B 271 23.83 -5.09 15.26
CA VAL B 271 22.99 -4.35 14.31
C VAL B 271 23.54 -2.97 14.04
N GLU B 272 24.19 -2.35 15.04
CA GLU B 272 24.75 -1.01 14.86
C GLU B 272 25.88 -0.99 13.83
N GLU B 273 26.53 -2.13 13.58
CA GLU B 273 27.60 -2.22 12.60
C GLU B 273 27.13 -2.73 11.24
N LEU B 274 25.94 -3.31 11.17
CA LEU B 274 25.45 -3.87 9.91
C LEU B 274 25.19 -2.78 8.87
N PHE B 275 24.79 -1.59 9.30
CA PHE B 275 24.56 -0.50 8.35
C PHE B 275 25.82 -0.24 7.53
N LYS B 276 26.95 0.04 8.21
CA LYS B 276 28.19 0.30 7.50
C LYS B 276 28.66 -0.93 6.74
N LEU B 277 28.59 -2.11 7.38
CA LEU B 277 29.08 -3.33 6.77
C LEU B 277 28.37 -3.67 5.47
N LEU B 278 27.09 -3.31 5.34
CA LEU B 278 26.38 -3.66 4.12
C LEU B 278 26.82 -2.77 2.96
N LYS B 279 26.82 -1.44 3.17
CA LYS B 279 27.22 -0.52 2.12
C LYS B 279 28.73 -0.52 1.90
N GLU B 280 29.48 -1.25 2.72
CA GLU B 280 30.88 -1.51 2.48
C GLU B 280 31.12 -2.63 1.48
N GLY B 281 30.07 -3.37 1.10
CA GLY B 281 30.18 -4.45 0.15
C GLY B 281 30.27 -5.83 0.74
N HIS B 282 30.31 -5.97 2.07
CA HIS B 282 30.40 -7.29 2.67
C HIS B 282 29.07 -8.01 2.50
N ARG B 283 29.15 -9.32 2.21
CA ARG B 283 27.97 -10.15 2.04
C ARG B 283 28.19 -11.49 2.73
N MET B 284 27.10 -12.25 2.88
CA MET B 284 27.17 -13.54 3.55
C MET B 284 27.90 -14.56 2.68
N ASP B 285 28.56 -15.51 3.34
CA ASP B 285 29.39 -16.46 2.64
C ASP B 285 28.53 -17.55 2.00
N LYS B 286 29.13 -18.25 1.04
CA LYS B 286 28.44 -19.29 0.27
C LYS B 286 28.13 -20.50 1.15
N PRO B 287 26.85 -20.88 1.30
CA PRO B 287 26.53 -22.05 2.12
C PRO B 287 27.03 -23.35 1.51
N ALA B 288 27.43 -24.28 2.39
CA ALA B 288 27.77 -25.61 1.93
C ALA B 288 26.53 -26.32 1.42
N ASN B 289 26.75 -27.37 0.62
CA ASN B 289 25.67 -28.08 -0.05
C ASN B 289 24.79 -27.09 -0.82
N CYS B 290 25.44 -26.31 -1.68
CA CYS B 290 24.80 -25.29 -2.50
C CYS B 290 25.76 -24.95 -3.63
N THR B 291 25.29 -25.08 -4.87
CA THR B 291 26.15 -24.91 -6.04
C THR B 291 26.57 -23.45 -6.20
N ASN B 292 27.66 -23.24 -6.94
CA ASN B 292 28.17 -21.89 -7.13
C ASN B 292 27.16 -21.01 -7.86
N GLU B 293 26.49 -21.54 -8.88
CA GLU B 293 25.54 -20.73 -9.65
C GLU B 293 24.37 -20.26 -8.79
N LEU B 294 23.96 -21.07 -7.82
CA LEU B 294 22.94 -20.61 -6.88
C LEU B 294 23.48 -19.51 -5.97
N TYR B 295 24.74 -19.62 -5.53
CA TYR B 295 25.29 -18.57 -4.69
C TYR B 295 25.53 -17.28 -5.47
N MET B 296 25.86 -17.37 -6.75
CA MET B 296 25.98 -16.15 -7.54
C MET B 296 24.62 -15.62 -7.98
N MET B 297 23.59 -16.44 -7.91
CA MET B 297 22.22 -15.94 -7.98
C MET B 297 21.84 -15.23 -6.68
N MET B 298 22.32 -15.75 -5.55
CA MET B 298 22.09 -15.13 -4.25
C MET B 298 22.65 -13.72 -4.20
N ARG B 299 23.84 -13.51 -4.79
CA ARG B 299 24.48 -12.21 -4.73
C ARG B 299 23.86 -11.21 -5.70
N ASP B 300 23.29 -11.70 -6.81
CA ASP B 300 22.62 -10.79 -7.74
C ASP B 300 21.35 -10.23 -7.12
N CYS B 301 20.77 -10.95 -6.17
CA CYS B 301 19.70 -10.39 -5.36
C CYS B 301 20.22 -9.28 -4.47
N TRP B 302 21.48 -9.39 -4.04
CA TRP B 302 22.11 -8.42 -3.15
C TRP B 302 22.92 -7.37 -3.92
N HIS B 303 22.53 -7.09 -5.15
CA HIS B 303 23.19 -6.05 -5.93
C HIS B 303 23.07 -4.69 -5.25
N ALA B 304 24.16 -3.92 -5.30
CA ALA B 304 24.17 -2.59 -4.68
C ALA B 304 23.15 -1.68 -5.35
N VAL B 305 23.08 -1.71 -6.68
CA VAL B 305 22.12 -0.91 -7.43
C VAL B 305 20.79 -1.66 -7.51
N PRO B 306 19.70 -1.12 -6.97
CA PRO B 306 18.43 -1.85 -7.02
C PRO B 306 17.93 -2.13 -8.43
N SER B 307 18.01 -1.15 -9.33
CA SER B 307 17.56 -1.38 -10.70
C SER B 307 18.26 -2.56 -11.34
N GLN B 308 19.43 -2.97 -10.82
CA GLN B 308 20.19 -4.06 -11.41
C GLN B 308 19.81 -5.44 -10.86
N ARG B 309 19.09 -5.52 -9.74
CA ARG B 309 18.70 -6.82 -9.24
C ARG B 309 17.66 -7.46 -10.17
N PRO B 310 17.68 -8.79 -10.30
CA PRO B 310 16.76 -9.46 -11.21
C PRO B 310 15.31 -9.33 -10.75
N THR B 311 14.41 -9.50 -11.70
CA THR B 311 13.00 -9.59 -11.38
C THR B 311 12.65 -11.01 -10.93
N PHE B 312 11.51 -11.15 -10.25
CA PHE B 312 11.01 -12.47 -9.92
C PHE B 312 10.72 -13.27 -11.19
N LYS B 313 10.32 -12.55 -12.26
CA LYS B 313 10.00 -13.14 -13.56
C LYS B 313 11.21 -13.88 -14.09
N GLN B 314 12.39 -13.27 -13.95
CA GLN B 314 13.67 -13.85 -14.33
C GLN B 314 14.19 -14.84 -13.30
N LEU B 315 13.88 -14.63 -12.03
CA LEU B 315 14.28 -15.60 -11.01
C LEU B 315 13.61 -16.95 -11.24
N VAL B 316 12.31 -16.96 -11.55
CA VAL B 316 11.63 -18.24 -11.76
C VAL B 316 12.11 -18.89 -13.05
N GLU B 317 12.45 -18.07 -14.05
CA GLU B 317 12.95 -18.61 -15.32
C GLU B 317 14.29 -19.32 -15.09
N ASP B 318 15.20 -18.68 -14.35
CA ASP B 318 16.49 -19.30 -14.05
C ASP B 318 16.32 -20.44 -13.04
N LEU B 319 15.48 -20.25 -12.04
CA LEU B 319 15.23 -21.29 -11.05
C LEU B 319 14.53 -22.49 -11.68
N ASP B 320 13.74 -22.28 -12.72
CA ASP B 320 13.16 -23.39 -13.45
C ASP B 320 14.26 -24.22 -14.12
N ARG B 321 15.25 -23.53 -14.69
CA ARG B 321 16.35 -24.23 -15.35
C ARG B 321 17.19 -25.05 -14.39
N ILE B 322 17.41 -24.56 -13.17
CA ILE B 322 18.24 -25.32 -12.25
C ILE B 322 17.45 -26.50 -11.69
N LEU B 323 16.12 -26.39 -11.57
CA LEU B 323 15.32 -27.43 -10.95
C LEU B 323 15.14 -28.68 -11.82
N THR B 324 15.26 -28.58 -13.13
CA THR B 324 14.89 -29.73 -13.95
C THR B 324 16.10 -30.51 -14.44
N LEU B 325 17.29 -30.01 -14.16
CA LEU B 325 18.50 -30.82 -14.10
C LEU B 325 18.79 -31.20 -12.65
N THR B 326 17.79 -31.85 -12.04
CA THR B 326 17.85 -32.15 -10.60
C THR B 326 18.78 -33.31 -10.32
N THR B 327 18.48 -34.49 -10.85
CA THR B 327 19.32 -35.66 -10.55
C THR B 327 20.25 -36.01 -11.72
C1 U9P C . -1.32 26.63 -5.79
C10 U9P C . -1.46 29.35 -8.32
C11 U9P C . -4.55 26.62 -3.72
C12 U9P C . -5.02 25.39 -4.48
C13 U9P C . -6.78 27.02 -4.45
C14 U9P C . -5.57 27.69 -3.83
C15 U9P C . -0.24 21.56 -1.89
C16 U9P C . -2.12 21.06 -0.57
C17 U9P C . -2.86 22.00 -1.24
C18 U9P C . -2.27 22.71 -2.24
C19 U9P C . -4.32 22.30 -0.89
C2 U9P C . -2.21 26.27 -4.68
C20 U9P C . -3.69 30.56 -7.87
C21 U9P C . -3.04 31.93 -7.98
C22 U9P C . -4.46 30.22 -9.14
C23 U9P C . -6.10 24.11 -0.66
C3 U9P C . -0.90 24.41 -4.22
C4 U9P C . -0.26 25.82 -6.06
C5 U9P C . -0.34 23.34 -3.74
C6 U9P C . 0.72 22.86 -4.32
C7 U9P C . -1.60 27.83 -6.68
C8 U9P C . -0.95 22.55 -2.57
C9 U9P C . -0.81 28.29 -7.76
N1 U9P C . -1.96 25.14 -3.89
N2 U9P C . -0.03 24.72 -5.27
N3 U9P C . 1.06 23.68 -5.35
N4 U9P C . -2.67 29.54 -7.63
N5 U9P C . -2.76 28.57 -6.62
N6 U9P C . -3.35 27.13 -4.38
N7 U9P C . -0.83 20.85 -0.90
N8 U9P C . -4.76 23.68 -0.99
O1 U9P C . -6.42 25.64 -4.75
O2 U9P C . -5.05 21.44 -0.51
C1 U9P D . 0.58 -23.49 11.88
C10 U9P D . 1.49 -26.84 13.23
C11 U9P D . 2.42 -20.70 13.84
C12 U9P D . 3.35 -20.16 12.77
C13 U9P D . 4.67 -20.99 14.57
C14 U9P D . 3.23 -21.03 15.05
C15 U9P D . -1.90 -18.38 8.87
C16 U9P D . -0.91 -16.32 9.25
C17 U9P D . 0.11 -16.94 9.93
C18 U9P D . 0.14 -18.28 10.09
C19 U9P D . 1.20 -16.05 10.48
C2 U9P D . 0.96 -22.12 12.24
C20 U9P D . 3.22 -26.40 15.08
C21 U9P D . 3.32 -25.27 16.09
C22 U9P D . 2.68 -27.64 15.79
C23 U9P D . 3.26 -15.54 11.72
C3 U9P D . -0.31 -21.26 10.52
C4 U9P D . -0.24 -23.65 10.79
C5 U9P D . -0.95 -20.55 9.64
C6 U9P D . -1.67 -21.12 8.72
C7 U9P D . 1.13 -24.72 12.63
C8 U9P D . -0.89 -19.03 9.57
C9 U9P D . 0.78 -26.06 12.37
N1 U9P D . 0.48 -20.99 11.55
N2 U9P D . -0.69 -22.55 10.11
N3 U9P D . -1.61 -22.46 8.89
N4 U9P D . 2.30 -26.01 14.02
N5 U9P D . 2.06 -24.68 13.62
N6 U9P D . 1.84 -21.97 13.38
N7 U9P D . -1.91 -17.04 8.73
N8 U9P D . 2.30 -16.54 11.28
O1 U9P D . 4.68 -20.57 13.17
O2 U9P D . 1.15 -14.88 10.23
#